data_5W9Q
#
_entry.id   5W9Q
#
_cell.length_a   139.339
_cell.length_b   27.800
_cell.length_c   64.914
_cell.angle_alpha   90.000
_cell.angle_beta   106.520
_cell.angle_gamma   90.000
#
_symmetry.space_group_name_H-M   'C 1 2 1'
#
loop_
_entity.id
_entity.type
_entity.pdbx_description
1 polymer 'Methyl-CpG-binding domain protein 1'
2 polymer dna
3 non-polymer 'ZINC ION'
4 non-polymer 'UNKNOWN ATOM OR ION'
5 water water
#
loop_
_entity_poly.entity_id
_entity_poly.type
_entity_poly.pdbx_seq_one_letter_code
_entity_poly.pdbx_strand_id
1 'polypeptide(L)' GTNRRQNRKCGACAACLRRMDCGRCDFCCDKPKFGGSNQKRQKCRWRQCLQFAMKRLLPS A,B
2 'polydeoxyribonucleotide' (DG)(DC)(DC)(DA)(DA)(DC)(DG)(DT)(DT)(DG)(DG)(DC) C,D,E,F
#
loop_
_chem_comp.id
_chem_comp.type
_chem_comp.name
_chem_comp.formula
DA DNA linking 2'-DEOXYADENOSINE-5'-MONOPHOSPHATE 'C10 H14 N5 O6 P'
DC DNA linking 2'-DEOXYCYTIDINE-5'-MONOPHOSPHATE 'C9 H14 N3 O7 P'
DG DNA linking 2'-DEOXYGUANOSINE-5'-MONOPHOSPHATE 'C10 H14 N5 O7 P'
DT DNA linking THYMIDINE-5'-MONOPHOSPHATE 'C10 H15 N2 O8 P'
UNX non-polymer 'UNKNOWN ATOM OR ION' ?
ZN non-polymer 'ZINC ION' 'Zn 2'
#
# COMPACT_ATOMS: atom_id res chain seq x y z
N ARG A 5 -18.62 -5.98 16.06
CA ARG A 5 -17.50 -5.54 15.16
C ARG A 5 -17.35 -6.42 13.90
N GLN A 6 -16.62 -5.91 12.94
CA GLN A 6 -16.22 -6.64 11.74
C GLN A 6 -14.70 -6.88 11.92
N ASN A 7 -14.24 -8.11 11.71
CA ASN A 7 -12.79 -8.40 11.69
C ASN A 7 -12.11 -7.62 10.61
N ARG A 8 -11.08 -6.84 10.99
CA ARG A 8 -10.26 -6.09 10.00
C ARG A 8 -8.79 -6.56 9.82
N LYS A 9 -8.39 -7.73 10.38
CA LYS A 9 -7.07 -8.32 10.08
C LYS A 9 -7.27 -9.70 9.52
N CYS A 10 -6.80 -9.91 8.29
CA CYS A 10 -6.77 -11.25 7.69
C CYS A 10 -5.61 -12.02 8.30
N GLY A 11 -4.58 -11.27 8.67
CA GLY A 11 -3.48 -11.77 9.47
C GLY A 11 -2.32 -12.31 8.67
N ALA A 12 -2.46 -12.37 7.33
CA ALA A 12 -1.51 -13.07 6.46
C ALA A 12 -1.21 -12.28 5.17
N CYS A 13 -1.36 -10.96 5.24
CA CYS A 13 -0.96 -10.06 4.16
C CYS A 13 0.16 -9.20 4.72
N ALA A 14 0.84 -8.46 3.84
CA ALA A 14 2.07 -7.76 4.23
C ALA A 14 1.70 -6.63 5.16
N ALA A 15 0.52 -6.05 4.98
CA ALA A 15 0.01 -5.05 5.95
C ALA A 15 -0.25 -5.62 7.35
N CYS A 16 -0.91 -6.78 7.44
CA CYS A 16 -1.21 -7.37 8.76
C CYS A 16 0.10 -7.87 9.38
N LEU A 17 1.01 -8.46 8.58
CA LEU A 17 2.32 -8.91 9.12
C LEU A 17 3.25 -7.76 9.66
N ARG A 18 3.03 -6.53 9.21
CA ARG A 18 3.87 -5.38 9.63
C ARG A 18 3.85 -5.14 11.16
N ARG A 19 5.02 -4.85 11.74
CA ARG A 19 5.23 -4.88 13.19
C ARG A 19 4.89 -3.52 13.85
N MET A 20 5.39 -2.43 13.28
CA MET A 20 5.34 -1.11 13.89
C MET A 20 4.69 -0.11 12.95
N ASP A 21 4.22 1.00 13.53
CA ASP A 21 3.68 2.11 12.77
C ASP A 21 4.80 2.70 11.96
N CYS A 22 4.47 3.13 10.75
CA CYS A 22 5.46 3.67 9.82
C CYS A 22 5.91 5.05 10.27
N GLY A 23 5.00 5.81 10.90
CA GLY A 23 5.36 7.14 11.51
C GLY A 23 5.54 8.28 10.51
N ARG A 24 5.16 8.05 9.24
CA ARG A 24 5.26 9.05 8.13
C ARG A 24 3.98 9.27 7.27
N CYS A 25 3.07 8.29 7.21
CA CYS A 25 1.86 8.37 6.45
C CYS A 25 0.84 9.41 7.11
N ASP A 26 -0.20 9.75 6.38
CA ASP A 26 -1.16 10.76 6.91
C ASP A 26 -1.83 10.27 8.29
N PHE A 27 -2.20 9.00 8.36
CA PHE A 27 -2.81 8.43 9.56
C PHE A 27 -1.86 8.38 10.78
N CYS A 28 -0.57 8.06 10.54
CA CYS A 28 0.43 8.04 11.61
C CYS A 28 0.67 9.44 12.12
N CYS A 29 1.05 10.33 11.21
CA CYS A 29 1.22 11.77 11.57
C CYS A 29 0.06 12.38 12.34
N ASP A 30 -1.14 11.91 12.08
CA ASP A 30 -2.33 12.35 12.79
C ASP A 30 -2.43 11.81 14.25
N LYS A 31 -1.78 10.68 14.56
CA LYS A 31 -1.78 10.10 15.91
C LYS A 31 -1.17 11.07 16.91
N PRO A 32 -1.85 11.27 18.09
CA PRO A 32 -1.28 12.08 19.16
C PRO A 32 0.15 11.71 19.50
N LYS A 33 0.47 10.40 19.58
CA LYS A 33 1.85 10.00 19.93
C LYS A 33 2.92 10.46 18.92
N PHE A 34 2.53 10.69 17.67
CA PHE A 34 3.43 11.24 16.63
C PHE A 34 3.34 12.75 16.48
N GLY A 35 2.48 13.37 17.28
CA GLY A 35 2.39 14.81 17.38
C GLY A 35 1.21 15.39 16.65
N GLY A 36 0.36 14.51 16.14
CA GLY A 36 -0.82 14.91 15.43
C GLY A 36 -1.94 15.31 16.33
N SER A 37 -3.05 15.69 15.68
CA SER A 37 -4.20 16.28 16.32
C SER A 37 -5.40 15.31 16.40
N ASN A 38 -5.20 14.01 16.03
CA ASN A 38 -6.24 13.00 16.21
C ASN A 38 -7.58 13.38 15.50
N GLN A 39 -7.48 13.91 14.28
CA GLN A 39 -8.65 14.26 13.50
C GLN A 39 -9.13 13.19 12.57
N LYS A 40 -8.21 12.21 12.23
CA LYS A 40 -8.51 11.14 11.34
C LYS A 40 -8.73 9.82 12.00
N ARG A 41 -7.89 9.46 12.98
CA ARG A 41 -8.14 8.29 13.85
C ARG A 41 -8.28 6.96 13.12
N GLN A 42 -7.24 6.67 12.31
CA GLN A 42 -7.14 5.44 11.56
C GLN A 42 -5.75 4.85 11.80
N LYS A 43 -5.65 3.55 11.58
CA LYS A 43 -4.35 2.94 11.70
C LYS A 43 -3.45 3.27 10.52
N CYS A 44 -2.13 3.09 10.75
CA CYS A 44 -1.09 3.37 9.75
C CYS A 44 -1.58 2.91 8.38
N ARG A 45 -1.44 3.75 7.38
CA ARG A 45 -1.78 3.34 5.98
C ARG A 45 -1.18 1.96 5.59
N TRP A 46 0.07 1.75 6.02
CA TRP A 46 0.87 0.52 5.66
C TRP A 46 0.52 -0.72 6.55
N ARG A 47 -0.39 -0.54 7.55
CA ARG A 47 -0.96 -1.60 8.32
C ARG A 47 -2.43 -1.87 8.04
N GLN A 48 -3.01 -1.17 7.05
CA GLN A 48 -4.39 -1.42 6.62
C GLN A 48 -4.46 -2.75 5.85
N CYS A 49 -5.25 -3.68 6.36
CA CYS A 49 -5.36 -5.01 5.74
C CYS A 49 -5.79 -4.98 4.27
N LEU A 50 -5.03 -5.70 3.42
CA LEU A 50 -5.29 -5.69 1.98
C LEU A 50 -6.57 -6.47 1.56
N GLN A 51 -7.09 -7.32 2.46
CA GLN A 51 -8.31 -8.11 2.19
C GLN A 51 -9.54 -7.49 2.94
N PHE A 52 -9.33 -7.04 4.18
CA PHE A 52 -10.47 -6.66 5.06
C PHE A 52 -10.67 -5.16 5.27
N ALA A 53 -9.68 -4.32 5.00
CA ALA A 53 -9.84 -2.87 5.27
C ALA A 53 -10.70 -2.29 4.22
N MET A 54 -11.50 -1.32 4.60
CA MET A 54 -12.18 -0.52 3.66
C MET A 54 -11.16 0.05 2.66
N LYS A 55 -11.53 0.10 1.40
CA LYS A 55 -10.56 0.37 0.34
C LYS A 55 -10.05 1.76 0.41
N ARG A 56 -10.89 2.69 0.93
CA ARG A 56 -10.47 4.08 1.04
CA ARG A 56 -10.49 4.09 1.09
C ARG A 56 -9.31 4.29 2.03
N LEU A 57 -9.02 3.31 2.88
CA LEU A 57 -7.97 3.38 3.89
C LEU A 57 -6.58 2.84 3.38
N LEU A 58 -6.62 2.12 2.31
CA LEU A 58 -5.35 1.56 1.72
C LEU A 58 -4.43 2.69 1.27
N PRO A 59 -3.10 2.39 1.08
CA PRO A 59 -2.25 3.45 0.43
C PRO A 59 -2.79 3.87 -0.99
N SER A 60 -2.48 5.10 -1.39
CA SER A 60 -3.12 5.73 -2.57
C SER A 60 -2.07 6.05 -3.53
N GLN B 6 0.37 -4.70 -25.40
CA GLN B 6 -0.93 -4.58 -24.64
C GLN B 6 -0.89 -3.39 -23.65
N ASN B 7 -1.96 -2.59 -23.63
CA ASN B 7 -2.03 -1.44 -22.75
C ASN B 7 -2.26 -1.90 -21.32
N ARG B 8 -1.42 -1.42 -20.41
CA ARG B 8 -1.53 -1.75 -18.97
C ARG B 8 -1.93 -0.59 -18.09
N LYS B 9 -2.28 0.56 -18.69
CA LYS B 9 -2.91 1.70 -17.98
C LYS B 9 -4.31 2.00 -18.53
N CYS B 10 -5.31 1.98 -17.66
CA CYS B 10 -6.67 2.41 -17.99
C CYS B 10 -6.84 3.96 -17.80
N GLY B 11 -6.18 4.53 -16.79
CA GLY B 11 -6.22 5.99 -16.53
C GLY B 11 -7.39 6.43 -15.65
N CYS B 13 -8.03 4.86 -12.97
CA CYS B 13 -8.02 4.27 -11.65
C CYS B 13 -6.95 4.95 -10.80
N ALA B 14 -6.96 4.70 -9.49
CA ALA B 14 -6.03 5.38 -8.55
C ALA B 14 -4.58 4.95 -8.73
N ALA B 15 -4.40 3.71 -9.17
CA ALA B 15 -3.08 3.14 -9.40
C ALA B 15 -2.45 3.73 -10.67
N CYS B 16 -3.28 3.87 -11.72
CA CYS B 16 -2.87 4.59 -12.92
C CYS B 16 -2.65 6.05 -12.56
N LEU B 17 -3.60 6.63 -11.83
CA LEU B 17 -3.48 8.03 -11.40
C LEU B 17 -2.31 8.30 -10.44
N ARG B 18 -1.79 7.25 -9.77
CA ARG B 18 -0.72 7.40 -8.78
C ARG B 18 0.54 8.11 -9.31
N ARG B 19 1.03 9.09 -8.53
CA ARG B 19 2.20 9.89 -8.90
C ARG B 19 3.49 9.03 -9.02
N MET B 20 4.05 8.59 -7.89
CA MET B 20 5.38 8.02 -7.82
C MET B 20 5.30 6.61 -7.24
N ASP B 21 6.44 5.91 -7.31
CA ASP B 21 6.61 4.61 -6.68
C ASP B 21 6.47 4.76 -5.22
N CYS B 22 5.85 3.75 -4.60
CA CYS B 22 5.55 3.77 -3.17
C CYS B 22 6.82 3.56 -2.32
N GLY B 23 7.82 2.79 -2.86
CA GLY B 23 9.10 2.60 -2.14
C GLY B 23 9.04 1.59 -0.98
N ARG B 24 7.85 1.03 -0.72
CA ARG B 24 7.60 0.13 0.44
C ARG B 24 7.10 -1.27 0.07
N CYS B 25 6.41 -1.42 -1.07
CA CYS B 25 5.91 -2.74 -1.48
C CYS B 25 7.06 -3.65 -1.96
N ASP B 26 6.76 -4.94 -2.15
CA ASP B 26 7.77 -5.94 -2.53
C ASP B 26 8.37 -5.66 -3.95
N PHE B 27 7.52 -5.25 -4.87
CA PHE B 27 8.00 -4.82 -6.18
C PHE B 27 8.89 -3.60 -6.16
N CYS B 28 8.59 -2.61 -5.30
CA CYS B 28 9.47 -1.44 -5.19
C CYS B 28 10.78 -1.84 -4.54
N CYS B 29 10.72 -2.61 -3.42
CA CYS B 29 11.94 -2.98 -2.68
C CYS B 29 12.87 -3.82 -3.54
N ASP B 30 12.32 -4.52 -4.53
CA ASP B 30 13.12 -5.30 -5.49
C ASP B 30 13.85 -4.42 -6.56
N LYS B 31 13.37 -3.20 -6.80
CA LYS B 31 14.00 -2.29 -7.78
C LYS B 31 15.42 -1.87 -7.33
N PRO B 32 16.39 -1.89 -8.26
CA PRO B 32 17.74 -1.37 -7.95
C PRO B 32 17.76 -0.01 -7.24
N LYS B 33 16.90 0.94 -7.65
CA LYS B 33 16.91 2.25 -7.01
C LYS B 33 16.51 2.25 -5.52
N PHE B 34 15.72 1.27 -5.09
CA PHE B 34 15.25 1.25 -3.68
C PHE B 34 16.05 0.38 -2.73
N GLY B 35 17.04 -0.32 -3.29
CA GLY B 35 17.93 -1.22 -2.55
C GLY B 35 17.91 -2.66 -3.05
N GLY B 36 16.97 -2.95 -3.94
CA GLY B 36 16.74 -4.28 -4.42
C GLY B 36 17.71 -4.80 -5.41
N SER B 37 17.51 -6.07 -5.72
CA SER B 37 18.39 -6.89 -6.54
C SER B 37 17.71 -7.29 -7.87
N ASN B 38 16.57 -6.68 -8.21
CA ASN B 38 16.03 -6.80 -9.58
C ASN B 38 15.74 -8.25 -10.03
N GLN B 39 15.16 -9.03 -9.12
CA GLN B 39 14.76 -10.42 -9.42
C GLN B 39 13.27 -10.59 -9.77
N LYS B 40 12.43 -9.60 -9.43
CA LYS B 40 10.98 -9.69 -9.71
C LYS B 40 10.58 -8.84 -10.93
N ARG B 41 11.12 -7.63 -11.03
CA ARG B 41 11.01 -6.80 -12.24
C ARG B 41 9.59 -6.46 -12.64
N GLN B 42 8.86 -5.91 -11.66
CA GLN B 42 7.51 -5.44 -11.85
C GLN B 42 7.42 -4.04 -11.30
N LYS B 43 6.49 -3.32 -11.85
CA LYS B 43 6.25 -1.96 -11.33
C LYS B 43 5.53 -1.99 -9.96
N CYS B 44 5.70 -0.89 -9.20
CA CYS B 44 5.08 -0.74 -7.86
C CYS B 44 3.70 -1.42 -7.74
N ARG B 45 3.52 -2.19 -6.69
CA ARG B 45 2.25 -2.81 -6.40
C ARG B 45 1.13 -1.81 -6.49
N TRP B 46 1.36 -0.64 -5.97
CA TRP B 46 0.26 0.35 -5.87
C TRP B 46 0.10 1.16 -7.17
N ARG B 47 0.88 0.80 -8.23
CA ARG B 47 0.69 1.38 -9.54
C ARG B 47 0.22 0.31 -10.55
N GLN B 48 -0.20 -0.86 -10.06
CA GLN B 48 -0.73 -1.88 -10.91
C GLN B 48 -2.16 -1.55 -11.21
N CYS B 49 -2.44 -1.38 -12.50
CA CYS B 49 -3.76 -0.92 -12.95
C CYS B 49 -4.85 -1.88 -12.50
N LEU B 50 -5.87 -1.35 -11.85
CA LEU B 50 -7.06 -2.15 -11.49
C LEU B 50 -7.80 -2.80 -12.69
N GLN B 51 -7.72 -2.22 -13.88
CA GLN B 51 -8.43 -2.73 -15.07
C GLN B 51 -7.56 -3.67 -15.91
N PHE B 52 -6.36 -3.21 -16.26
CA PHE B 52 -5.55 -3.87 -17.30
C PHE B 52 -4.43 -4.77 -16.74
N ALA B 53 -3.98 -4.54 -15.50
CA ALA B 53 -2.90 -5.32 -14.94
C ALA B 53 -3.37 -6.71 -14.63
N MET B 54 -2.50 -7.66 -14.88
CA MET B 54 -2.71 -9.04 -14.49
C MET B 54 -3.01 -9.09 -12.97
N LYS B 55 -3.95 -9.95 -12.59
CA LYS B 55 -4.50 -9.96 -11.23
C LYS B 55 -3.49 -10.29 -10.20
N ARG B 56 -2.56 -11.15 -10.53
CA ARG B 56 -1.51 -11.57 -9.61
CA ARG B 56 -1.54 -11.55 -9.56
C ARG B 56 -0.57 -10.44 -9.19
N LEU B 57 -0.57 -9.34 -9.95
CA LEU B 57 0.28 -8.21 -9.65
C LEU B 57 -0.33 -7.19 -8.68
N LEU B 58 -1.63 -7.23 -8.51
CA LEU B 58 -2.29 -6.28 -7.57
C LEU B 58 -1.87 -6.62 -6.15
N PRO B 59 -1.87 -5.60 -5.25
CA PRO B 59 -1.60 -5.95 -3.84
C PRO B 59 -2.70 -6.79 -3.24
N SER B 60 -2.30 -7.73 -2.40
CA SER B 60 -3.25 -8.64 -1.71
C SER B 60 -2.51 -9.33 -0.55
ZN ZN G . 1.97 5.05 8.95
ZN ZN H . -4.48 -8.66 6.11
UNK UNX I . -0.48 1.30 17.20
UNK UNX J . -4.89 8.61 12.35
UNK UNX K . -9.23 -5.80 13.58
UNK UNX L . -16.04 2.21 17.79
UNK UNX M . 0.25 9.01 3.42
UNK UNX N . -2.39 16.10 12.63
ZN ZN O . 5.59 0.18 -4.41
ZN ZN P . -5.92 1.68 -14.34
UNK UNX Q . 10.37 -5.25 -9.02
UNK UNX R . 7.44 -11.55 -11.29
UNK UNX S . 1.44 -7.25 -1.76
UNK UNX T . 3.68 -5.58 -0.77
UNK UNX U . 2.05 -3.37 -0.08
UNK UNX V . 1.32 0.29 -20.60
UNK UNX W . 9.80 3.26 -11.68
UNK UNX X . 9.03 7.17 -8.51
UNK UNX Y . -26.51 10.86 1.47
UNK UNX Z . -19.19 10.47 14.64
#